data_2EA2
#
_entry.id   2EA2
#
_cell.length_a   89.721
_cell.length_b   99.060
_cell.length_c   100.855
_cell.angle_alpha   90.00
_cell.angle_beta   90.00
_cell.angle_gamma   90.00
#
_symmetry.space_group_name_H-M   'C 2 2 21'
#
loop_
_entity.id
_entity.type
_entity.pdbx_description
1 polymer 'Methionine aminopeptidase 2'
2 non-polymer 'MANGANESE (II) ION'
3 non-polymer '3-ETHYL-6-{[(4-FLUOROPHENYL)SULFONYL]AMINO}-2-METHYLBENZOIC ACID'
4 water water
#
_entity_poly.entity_id   1
_entity_poly.type   'polypeptide(L)'
_entity_poly.pdbx_seq_one_letter_code
;KVQTDPPSVPICDLYPNGVFPKGQECEYPPTQDGRTAAWRTTSEEKKALDQASEEIWNDFREAAEAHRQVRKYVMSWIKP
GMTMIEICEKLEDCSRKLIKENGLNAGLAFPTGCSLNNCAAHYTPNAGDTTVLQYDDICKIDFGTHISGRIIDCAFTVTF
NPKYDTLLKAVKDATNTGIKCAGIDVRLCDVGEAIQEVMESYEVEIDGKTYQVKPIRNLNGHSIGQYRIHAGKTVPIIKG
GEATRMEEGEVYAIETFGSTGKGVVHDDMECSHYMKNFDVGHVPIRLPRTKHLLNVINENFGTLAFCRRWLDRLGESKYL
MALKNLCDLGIVDPYPPLCDIKGSYTAQFEHTILLRPTCKEVVSRGDDY
;
_entity_poly.pdbx_strand_id   A
#
loop_
_chem_comp.id
_chem_comp.type
_chem_comp.name
_chem_comp.formula
F77 non-polymer '3-ETHYL-6-{[(4-FLUOROPHENYL)SULFONYL]AMINO}-2-METHYLBENZOIC ACID' 'C16 H16 F N O4 S'
MN non-polymer 'MANGANESE (II) ION' 'Mn 2'
#
# COMPACT_ATOMS: atom_id res chain seq x y z
N LYS A 1 25.68 -12.08 5.32
CA LYS A 1 25.24 -11.94 6.74
C LYS A 1 24.90 -10.49 7.03
N VAL A 2 25.38 -9.59 6.16
CA VAL A 2 25.13 -8.16 6.30
C VAL A 2 24.67 -7.62 4.95
N GLN A 3 23.72 -6.70 4.95
CA GLN A 3 23.23 -6.14 3.71
C GLN A 3 24.36 -5.39 2.99
N THR A 4 24.23 -5.27 1.68
CA THR A 4 25.21 -4.57 0.85
C THR A 4 24.74 -3.15 0.57
N ASP A 5 25.68 -2.24 0.29
CA ASP A 5 25.33 -0.85 0.01
C ASP A 5 24.14 -0.91 -0.93
N PRO A 6 24.36 -1.25 -2.22
CA PRO A 6 23.11 -1.29 -2.98
C PRO A 6 22.50 -2.64 -2.59
N PRO A 7 21.46 -2.64 -1.74
CA PRO A 7 20.82 -3.88 -1.29
C PRO A 7 20.75 -4.98 -2.34
N SER A 8 21.27 -6.15 -1.97
CA SER A 8 21.29 -7.29 -2.88
C SER A 8 21.05 -8.57 -2.11
N VAL A 9 21.38 -8.56 -0.82
CA VAL A 9 21.20 -9.73 0.04
C VAL A 9 19.74 -9.88 0.43
N PRO A 10 19.13 -11.02 0.10
CA PRO A 10 17.72 -11.24 0.43
C PRO A 10 17.52 -11.17 1.94
N ILE A 11 16.41 -10.57 2.37
CA ILE A 11 16.10 -10.45 3.79
C ILE A 11 16.16 -11.85 4.40
N CYS A 12 15.88 -12.83 3.55
CA CYS A 12 15.86 -14.24 3.89
C CYS A 12 17.18 -14.70 4.52
N ASP A 13 18.27 -14.49 3.80
CA ASP A 13 19.59 -14.89 4.25
C ASP A 13 20.16 -14.02 5.38
N LEU A 14 19.50 -12.92 5.68
CA LEU A 14 19.95 -12.03 6.76
C LEU A 14 19.48 -12.52 8.12
N TYR A 15 18.35 -13.20 8.15
CA TYR A 15 17.80 -13.73 9.38
C TYR A 15 17.64 -15.23 9.20
N PRO A 16 18.76 -15.95 9.17
CA PRO A 16 18.85 -17.40 9.00
C PRO A 16 17.98 -18.25 9.93
N ASN A 17 17.74 -17.72 11.13
CA ASN A 17 16.93 -18.41 12.12
C ASN A 17 15.47 -18.51 11.70
N GLY A 18 15.13 -17.85 10.60
CA GLY A 18 13.77 -17.90 10.12
C GLY A 18 12.83 -16.96 10.89
N VAL A 19 13.37 -16.27 11.88
CA VAL A 19 12.58 -15.34 12.71
C VAL A 19 12.91 -13.92 12.29
N PHE A 20 11.90 -13.16 11.86
CA PHE A 20 12.16 -11.79 11.43
C PHE A 20 11.73 -10.74 12.45
N PRO A 21 12.39 -9.57 12.42
CA PRO A 21 12.12 -8.45 13.32
C PRO A 21 10.67 -7.99 13.33
N LYS A 22 10.16 -7.75 14.53
CA LYS A 22 8.78 -7.31 14.71
C LYS A 22 8.68 -5.80 14.47
N GLY A 23 7.46 -5.35 14.19
CA GLY A 23 7.24 -3.94 13.99
C GLY A 23 6.96 -3.28 15.32
N GLN A 24 6.54 -2.03 15.28
CA GLN A 24 6.22 -1.29 16.50
C GLN A 24 5.01 -1.91 17.19
N GLU A 25 5.23 -2.46 18.38
CA GLU A 25 4.14 -3.07 19.13
C GLU A 25 3.46 -2.06 20.06
N CYS A 26 2.17 -1.86 19.84
CA CYS A 26 1.38 -0.91 20.63
C CYS A 26 0.27 -1.56 21.43
N GLU A 27 -0.04 -0.94 22.56
CA GLU A 27 -1.10 -1.42 23.44
C GLU A 27 -2.39 -0.85 22.84
N TYR A 28 -3.42 -1.68 22.74
CA TYR A 28 -4.70 -1.24 22.19
C TYR A 28 -5.30 -0.04 22.91
N PRO A 29 -5.84 0.91 22.14
CA PRO A 29 -6.46 2.11 22.72
C PRO A 29 -7.65 1.77 23.61
N PRO A 30 -7.73 2.41 24.79
CA PRO A 30 -8.83 2.14 25.71
C PRO A 30 -10.16 2.50 25.06
N THR A 31 -11.26 2.28 25.78
CA THR A 31 -12.58 2.60 25.28
C THR A 31 -13.29 3.56 26.22
N GLN A 32 -14.61 3.41 26.33
CA GLN A 32 -15.44 4.26 27.19
C GLN A 32 -14.91 4.28 28.62
N ASP A 33 -15.16 3.19 29.36
CA ASP A 33 -14.74 3.06 30.75
C ASP A 33 -13.22 2.92 30.90
N GLY A 34 -12.47 3.75 30.17
CA GLY A 34 -11.03 3.69 30.25
C GLY A 34 -10.52 2.26 30.15
N ARG A 35 -11.36 1.40 29.57
CA ARG A 35 -11.05 -0.02 29.39
C ARG A 35 -9.61 -0.16 28.88
N THR A 36 -8.68 -0.44 29.79
CA THR A 36 -7.28 -0.60 29.41
C THR A 36 -7.12 -1.88 28.61
N ALA A 37 -6.03 -1.97 27.85
CA ALA A 37 -5.78 -3.15 27.04
C ALA A 37 -4.46 -3.80 27.44
N ALA A 38 -4.02 -3.52 28.67
CA ALA A 38 -2.78 -4.10 29.17
C ALA A 38 -3.04 -5.51 29.66
N TRP A 39 -4.32 -5.91 29.65
CA TRP A 39 -4.70 -7.24 30.09
C TRP A 39 -4.44 -8.29 29.01
N ARG A 40 -4.34 -7.81 27.76
CA ARG A 40 -4.09 -8.68 26.63
C ARG A 40 -2.60 -8.80 26.40
N THR A 41 -1.85 -7.78 26.82
CA THR A 41 -0.40 -7.76 26.65
C THR A 41 0.21 -9.10 27.08
N THR A 42 -0.37 -9.72 28.10
CA THR A 42 0.15 -11.00 28.60
C THR A 42 -0.92 -12.00 29.05
N SER A 43 -2.18 -11.75 28.72
CA SER A 43 -3.24 -12.69 29.08
C SER A 43 -2.76 -14.08 28.67
N GLU A 44 -3.32 -15.11 29.28
CA GLU A 44 -2.91 -16.47 28.95
C GLU A 44 -3.57 -16.93 27.66
N GLU A 45 -4.87 -16.65 27.55
CA GLU A 45 -5.65 -17.01 26.37
C GLU A 45 -5.09 -16.36 25.10
N LYS A 46 -4.91 -15.05 25.16
CA LYS A 46 -4.40 -14.30 24.02
C LYS A 46 -3.00 -14.73 23.60
N LYS A 47 -2.08 -14.81 24.55
CA LYS A 47 -0.71 -15.21 24.23
C LYS A 47 -0.68 -16.53 23.46
N ALA A 48 -1.59 -17.43 23.78
CA ALA A 48 -1.65 -18.71 23.09
C ALA A 48 -2.21 -18.50 21.68
N LEU A 49 -3.18 -17.61 21.58
CA LEU A 49 -3.80 -17.27 20.30
C LEU A 49 -2.80 -16.58 19.38
N ASP A 50 -1.99 -15.69 19.95
CA ASP A 50 -0.99 -14.97 19.17
C ASP A 50 0.07 -15.93 18.67
N GLN A 51 0.81 -16.55 19.58
CA GLN A 51 1.86 -17.48 19.19
C GLN A 51 1.27 -18.56 18.28
N ALA A 52 -0.06 -18.66 18.27
CA ALA A 52 -0.74 -19.64 17.43
C ALA A 52 -0.55 -19.29 15.94
N SER A 53 -0.70 -18.02 15.61
CA SER A 53 -0.54 -17.54 14.24
C SER A 53 0.82 -16.87 14.05
N GLU A 54 1.81 -17.36 14.78
CA GLU A 54 3.15 -16.81 14.74
C GLU A 54 3.83 -16.90 13.37
N GLU A 55 3.61 -18.01 12.67
CA GLU A 55 4.23 -18.18 11.36
C GLU A 55 3.70 -17.15 10.37
N ILE A 56 2.47 -16.71 10.57
CA ILE A 56 1.85 -15.71 9.70
C ILE A 56 2.44 -14.31 9.99
N TRP A 57 2.44 -13.94 11.27
CA TRP A 57 2.98 -12.65 11.69
C TRP A 57 4.42 -12.57 11.21
N ASN A 58 5.10 -13.72 11.28
CA ASN A 58 6.49 -13.79 10.86
C ASN A 58 6.64 -13.55 9.37
N ASP A 59 5.65 -13.96 8.58
CA ASP A 59 5.72 -13.74 7.14
C ASP A 59 5.52 -12.26 6.84
N PHE A 60 4.56 -11.64 7.51
CA PHE A 60 4.30 -10.23 7.33
C PHE A 60 5.57 -9.46 7.64
N ARG A 61 6.31 -9.93 8.64
CA ARG A 61 7.54 -9.27 9.08
C ARG A 61 8.67 -9.40 8.06
N GLU A 62 8.75 -10.55 7.39
CA GLU A 62 9.78 -10.75 6.38
C GLU A 62 9.53 -9.77 5.25
N ALA A 63 8.26 -9.62 4.88
CA ALA A 63 7.88 -8.71 3.82
C ALA A 63 8.13 -7.26 4.24
N ALA A 64 7.78 -6.93 5.48
CA ALA A 64 7.96 -5.57 5.99
C ALA A 64 9.43 -5.15 6.00
N GLU A 65 10.30 -6.05 6.43
CA GLU A 65 11.71 -5.74 6.49
C GLU A 65 12.20 -5.51 5.06
N ALA A 66 11.55 -6.16 4.11
CA ALA A 66 11.92 -6.01 2.71
C ALA A 66 11.49 -4.61 2.27
N HIS A 67 10.27 -4.25 2.65
CA HIS A 67 9.73 -2.94 2.31
C HIS A 67 10.63 -1.84 2.88
N ARG A 68 10.97 -1.96 4.16
CA ARG A 68 11.82 -0.97 4.82
C ARG A 68 13.17 -0.76 4.13
N GLN A 69 13.90 -1.85 3.88
CA GLN A 69 15.20 -1.75 3.24
C GLN A 69 15.14 -1.25 1.81
N VAL A 70 14.11 -1.65 1.08
CA VAL A 70 13.95 -1.21 -0.30
C VAL A 70 13.70 0.30 -0.39
N ARG A 71 12.74 0.78 0.39
CA ARG A 71 12.38 2.21 0.36
C ARG A 71 13.51 3.11 0.89
N LYS A 72 14.29 2.59 1.83
CA LYS A 72 15.40 3.33 2.40
C LYS A 72 16.37 3.59 1.26
N TYR A 73 16.51 2.57 0.41
CA TYR A 73 17.36 2.60 -0.77
C TYR A 73 16.82 3.56 -1.84
N VAL A 74 15.49 3.59 -2.01
CA VAL A 74 14.87 4.46 -3.01
C VAL A 74 15.05 5.93 -2.68
N MET A 75 14.88 6.28 -1.41
CA MET A 75 15.02 7.67 -0.97
C MET A 75 16.42 8.21 -1.11
N SER A 76 17.39 7.31 -1.29
CA SER A 76 18.78 7.74 -1.43
C SER A 76 19.10 8.13 -2.86
N TRP A 77 18.32 7.65 -3.82
CA TRP A 77 18.60 7.98 -5.22
C TRP A 77 17.45 8.57 -6.04
N ILE A 78 16.22 8.56 -5.53
CA ILE A 78 15.14 9.11 -6.35
C ILE A 78 15.43 10.60 -6.51
N LYS A 79 15.44 11.06 -7.76
CA LYS A 79 15.73 12.45 -8.08
C LYS A 79 15.02 12.91 -9.33
N PRO A 80 14.77 14.21 -9.41
CA PRO A 80 14.11 14.73 -10.61
C PRO A 80 15.10 14.51 -11.75
N GLY A 81 14.59 14.31 -12.96
CA GLY A 81 15.47 14.06 -14.08
C GLY A 81 15.36 12.61 -14.48
N MET A 82 15.06 11.75 -13.52
CA MET A 82 14.89 10.32 -13.77
C MET A 82 13.48 10.14 -14.31
N THR A 83 13.30 9.22 -15.25
CA THR A 83 11.98 8.96 -15.79
C THR A 83 11.24 8.07 -14.79
N MET A 84 9.93 8.14 -14.78
CA MET A 84 9.14 7.33 -13.87
C MET A 84 9.45 5.85 -14.09
N ILE A 85 9.79 5.49 -15.32
CA ILE A 85 10.09 4.10 -15.62
C ILE A 85 11.42 3.70 -14.99
N GLU A 86 12.45 4.52 -15.14
CA GLU A 86 13.74 4.21 -14.53
C GLU A 86 13.56 3.99 -13.04
N ILE A 87 12.79 4.90 -12.42
CA ILE A 87 12.53 4.83 -10.99
C ILE A 87 11.86 3.51 -10.59
N CYS A 88 10.72 3.21 -11.21
CA CYS A 88 9.99 2.00 -10.88
C CYS A 88 10.77 0.73 -11.14
N GLU A 89 11.53 0.69 -12.24
CA GLU A 89 12.30 -0.50 -12.56
C GLU A 89 13.47 -0.68 -11.60
N LYS A 90 14.06 0.42 -11.15
CA LYS A 90 15.17 0.35 -10.22
C LYS A 90 14.63 -0.09 -8.85
N LEU A 91 13.49 0.48 -8.47
CA LEU A 91 12.88 0.13 -7.19
C LEU A 91 12.46 -1.35 -7.21
N GLU A 92 11.73 -1.75 -8.24
CA GLU A 92 11.26 -3.12 -8.36
C GLU A 92 12.38 -4.17 -8.47
N ASP A 93 13.53 -3.78 -9.03
CA ASP A 93 14.65 -4.73 -9.13
C ASP A 93 15.21 -5.05 -7.76
N CYS A 94 15.20 -4.07 -6.88
CA CYS A 94 15.69 -4.28 -5.53
C CYS A 94 14.63 -5.08 -4.74
N SER A 95 13.38 -4.67 -4.87
CA SER A 95 12.27 -5.31 -4.18
C SER A 95 12.17 -6.81 -4.52
N ARG A 96 12.58 -7.17 -5.73
CA ARG A 96 12.53 -8.57 -6.14
C ARG A 96 13.65 -9.38 -5.49
N LYS A 97 14.82 -8.78 -5.34
CA LYS A 97 15.96 -9.49 -4.74
C LYS A 97 15.87 -9.63 -3.22
N LEU A 98 15.46 -8.58 -2.52
CA LEU A 98 15.36 -8.66 -1.07
C LEU A 98 14.23 -9.58 -0.59
N ILE A 99 13.19 -9.72 -1.41
CA ILE A 99 12.04 -10.57 -1.06
C ILE A 99 12.25 -11.97 -1.63
N LYS A 100 13.34 -12.14 -2.39
CA LYS A 100 13.69 -13.41 -3.01
C LYS A 100 12.53 -13.98 -3.82
N GLU A 101 12.00 -13.17 -4.71
CA GLU A 101 10.88 -13.56 -5.54
C GLU A 101 10.86 -15.04 -5.91
N ASN A 102 9.74 -15.69 -5.56
CA ASN A 102 9.56 -17.10 -5.82
C ASN A 102 8.12 -17.36 -6.24
N GLY A 103 7.85 -17.26 -7.53
CA GLY A 103 6.49 -17.48 -8.00
C GLY A 103 5.49 -16.75 -7.14
N LEU A 104 4.45 -17.46 -6.72
CA LEU A 104 3.42 -16.87 -5.88
C LEU A 104 3.73 -17.01 -4.40
N ASN A 105 4.90 -17.55 -4.08
CA ASN A 105 5.29 -17.72 -2.68
C ASN A 105 5.99 -16.50 -2.09
N ALA A 106 6.65 -15.73 -2.93
CA ALA A 106 7.35 -14.52 -2.51
C ALA A 106 7.45 -13.59 -3.72
N GLY A 107 7.23 -12.29 -3.51
CA GLY A 107 7.31 -11.35 -4.61
C GLY A 107 6.67 -10.00 -4.37
N LEU A 108 6.35 -9.30 -5.46
CA LEU A 108 5.74 -7.96 -5.36
C LEU A 108 4.23 -8.12 -5.24
N ALA A 109 3.65 -7.55 -4.20
CA ALA A 109 2.21 -7.65 -3.97
C ALA A 109 1.37 -6.89 -5.00
N PHE A 110 1.87 -5.74 -5.44
CA PHE A 110 1.19 -4.93 -6.42
C PHE A 110 2.22 -4.03 -7.09
N PRO A 111 1.86 -3.42 -8.22
CA PRO A 111 2.76 -2.53 -8.97
C PRO A 111 3.27 -1.36 -8.13
N THR A 112 4.40 -0.79 -8.54
CA THR A 112 4.96 0.33 -7.83
C THR A 112 4.24 1.62 -8.21
N GLY A 113 3.38 2.09 -7.31
CA GLY A 113 2.66 3.33 -7.56
C GLY A 113 3.57 4.51 -7.33
N CYS A 114 3.52 5.48 -8.24
CA CYS A 114 4.35 6.67 -8.13
C CYS A 114 3.56 7.84 -8.70
N SER A 115 2.28 7.89 -8.35
CA SER A 115 1.37 8.94 -8.79
C SER A 115 1.96 10.33 -8.54
N LEU A 116 1.84 11.20 -9.53
CA LEU A 116 2.38 12.55 -9.44
C LEU A 116 1.33 13.64 -9.17
N ASN A 117 1.74 14.64 -8.40
CA ASN A 117 0.93 15.81 -8.09
C ASN A 117 -0.55 15.61 -7.77
N ASN A 118 -1.44 16.00 -8.67
CA ASN A 118 -2.88 15.87 -8.41
C ASN A 118 -3.35 14.43 -8.38
N CYS A 119 -2.55 13.52 -8.94
CA CYS A 119 -2.93 12.12 -8.93
C CYS A 119 -2.45 11.51 -7.61
N ALA A 120 -3.38 10.94 -6.85
CA ALA A 120 -3.08 10.39 -5.55
C ALA A 120 -2.63 8.94 -5.53
N ALA A 121 -3.20 8.11 -6.38
CA ALA A 121 -2.83 6.72 -6.37
C ALA A 121 -3.05 5.94 -7.66
N HIS A 122 -2.47 4.75 -7.70
CA HIS A 122 -2.61 3.83 -8.81
C HIS A 122 -2.06 4.22 -10.16
N TYR A 123 -1.02 5.05 -10.16
CA TYR A 123 -0.37 5.40 -11.39
C TYR A 123 1.04 4.83 -11.35
N THR A 124 1.36 4.04 -12.37
CA THR A 124 2.68 3.48 -12.55
C THR A 124 2.78 3.55 -14.06
N PRO A 125 3.96 3.86 -14.58
CA PRO A 125 4.13 3.96 -16.03
C PRO A 125 4.00 2.67 -16.85
N ASN A 126 3.46 2.83 -18.05
CA ASN A 126 3.32 1.75 -19.01
C ASN A 126 4.47 1.99 -19.98
N ALA A 127 4.80 0.97 -20.78
CA ALA A 127 5.87 1.11 -21.76
C ALA A 127 5.66 2.34 -22.61
N GLY A 128 6.72 3.12 -22.82
CA GLY A 128 6.62 4.30 -23.65
C GLY A 128 6.35 5.61 -22.93
N ASP A 129 5.97 5.52 -21.66
CA ASP A 129 5.69 6.72 -20.87
C ASP A 129 7.00 7.48 -20.72
N THR A 130 7.05 8.70 -21.24
CA THR A 130 8.27 9.50 -21.16
C THR A 130 8.29 10.49 -20.01
N THR A 131 7.30 10.40 -19.13
CA THR A 131 7.22 11.30 -17.99
C THR A 131 8.51 11.32 -17.18
N VAL A 132 8.96 12.52 -16.82
CA VAL A 132 10.18 12.72 -16.03
C VAL A 132 9.87 13.43 -14.71
N LEU A 133 10.34 12.87 -13.60
CA LEU A 133 10.15 13.44 -12.27
C LEU A 133 10.78 14.83 -12.22
N GLN A 134 9.99 15.82 -11.82
CA GLN A 134 10.44 17.21 -11.74
C GLN A 134 10.69 17.68 -10.30
N TYR A 135 11.44 18.77 -10.16
CA TYR A 135 11.76 19.32 -8.84
C TYR A 135 10.52 19.73 -8.05
N ASP A 136 9.45 20.11 -8.75
CA ASP A 136 8.23 20.56 -8.09
C ASP A 136 7.16 19.49 -7.97
N ASP A 137 7.52 18.26 -8.28
CA ASP A 137 6.57 17.16 -8.20
C ASP A 137 6.43 16.60 -6.80
N ILE A 138 5.23 16.14 -6.49
CA ILE A 138 4.97 15.52 -5.21
C ILE A 138 4.55 14.10 -5.61
N CYS A 139 5.52 13.19 -5.46
CA CYS A 139 5.35 11.80 -5.85
C CYS A 139 5.13 10.81 -4.72
N LYS A 140 4.04 10.06 -4.81
CA LYS A 140 3.70 9.05 -3.81
C LYS A 140 4.25 7.70 -4.23
N ILE A 141 5.25 7.23 -3.48
CA ILE A 141 5.86 5.92 -3.76
C ILE A 141 5.07 4.89 -2.95
N ASP A 142 4.28 4.09 -3.65
CA ASP A 142 3.46 3.10 -2.98
C ASP A 142 3.65 1.73 -3.60
N PHE A 143 4.45 0.90 -2.95
CA PHE A 143 4.72 -0.44 -3.45
C PHE A 143 4.53 -1.47 -2.33
N GLY A 144 4.38 -2.73 -2.70
CA GLY A 144 4.18 -3.74 -1.69
C GLY A 144 4.91 -5.06 -1.90
N THR A 145 5.23 -5.72 -0.79
CA THR A 145 5.91 -7.00 -0.84
C THR A 145 5.02 -8.03 -0.14
N HIS A 146 5.29 -9.30 -0.37
CA HIS A 146 4.50 -10.34 0.27
C HIS A 146 5.24 -11.66 0.31
N ILE A 147 4.95 -12.44 1.34
CA ILE A 147 5.52 -13.77 1.51
C ILE A 147 4.28 -14.63 1.72
N SER A 148 4.12 -15.65 0.88
CA SER A 148 2.98 -16.55 0.99
C SER A 148 1.64 -15.80 1.07
N GLY A 149 1.53 -14.69 0.33
CA GLY A 149 0.29 -13.94 0.34
C GLY A 149 0.05 -12.96 1.47
N ARG A 150 0.99 -12.88 2.41
CA ARG A 150 0.88 -11.95 3.53
C ARG A 150 1.41 -10.64 2.99
N ILE A 151 0.48 -9.79 2.58
CA ILE A 151 0.79 -8.51 1.97
C ILE A 151 1.18 -7.31 2.84
N ILE A 152 2.26 -6.64 2.46
CA ILE A 152 2.72 -5.45 3.15
C ILE A 152 2.43 -4.27 2.24
N ASP A 153 1.37 -3.53 2.56
CA ASP A 153 0.97 -2.37 1.79
C ASP A 153 1.47 -1.16 2.60
N CYS A 154 2.48 -0.49 2.09
CA CYS A 154 3.09 0.63 2.79
C CYS A 154 3.59 1.69 1.78
N ALA A 155 3.39 2.96 2.10
CA ALA A 155 3.80 4.02 1.19
C ALA A 155 4.14 5.36 1.86
N PHE A 156 4.88 6.19 1.12
CA PHE A 156 5.31 7.49 1.61
C PHE A 156 5.31 8.48 0.45
N THR A 157 5.42 9.77 0.78
CA THR A 157 5.44 10.79 -0.25
C THR A 157 6.82 11.40 -0.40
N VAL A 158 7.22 11.61 -1.64
CA VAL A 158 8.52 12.18 -1.96
C VAL A 158 8.40 13.56 -2.57
N THR A 159 9.20 14.50 -2.09
CA THR A 159 9.20 15.85 -2.63
C THR A 159 10.64 16.37 -2.59
N PHE A 160 10.89 17.48 -3.27
CA PHE A 160 12.22 18.07 -3.28
C PHE A 160 12.14 19.55 -2.95
N ASN A 161 10.94 20.11 -3.08
CA ASN A 161 10.69 21.51 -2.79
C ASN A 161 10.09 21.55 -1.38
N PRO A 162 10.77 22.23 -0.44
CA PRO A 162 10.28 22.32 0.94
C PRO A 162 8.91 22.97 1.16
N LYS A 163 8.34 23.52 0.10
CA LYS A 163 7.03 24.17 0.20
C LYS A 163 5.89 23.18 0.49
N TYR A 164 6.17 21.88 0.37
CA TYR A 164 5.17 20.85 0.61
C TYR A 164 5.35 20.20 1.98
N ASP A 165 6.43 20.58 2.67
CA ASP A 165 6.72 20.00 3.98
C ASP A 165 5.55 19.94 4.92
N THR A 166 4.85 21.06 5.03
CA THR A 166 3.73 21.11 5.94
C THR A 166 2.54 20.31 5.43
N LEU A 167 2.47 20.06 4.13
CA LEU A 167 1.37 19.27 3.58
C LEU A 167 1.62 17.78 3.87
N LEU A 168 2.88 17.38 3.76
CA LEU A 168 3.26 15.99 4.02
C LEU A 168 3.10 15.67 5.50
N LYS A 169 3.43 16.64 6.35
CA LYS A 169 3.33 16.49 7.79
C LYS A 169 1.86 16.34 8.18
N ALA A 170 1.02 17.17 7.59
CA ALA A 170 -0.41 17.12 7.86
C ALA A 170 -0.92 15.70 7.61
N VAL A 171 -0.54 15.13 6.48
CA VAL A 171 -0.96 13.78 6.12
C VAL A 171 -0.23 12.69 6.93
N LYS A 172 1.07 12.85 7.15
CA LYS A 172 1.80 11.86 7.92
C LYS A 172 1.22 11.74 9.32
N ASP A 173 0.81 12.88 9.87
CA ASP A 173 0.23 12.93 11.20
C ASP A 173 -1.16 12.33 11.20
N ALA A 174 -1.88 12.52 10.10
CA ALA A 174 -3.23 11.98 9.95
C ALA A 174 -3.16 10.45 9.93
N THR A 175 -2.14 9.92 9.27
CA THR A 175 -2.00 8.49 9.19
C THR A 175 -1.67 7.90 10.55
N ASN A 176 -0.72 8.50 11.25
CA ASN A 176 -0.36 7.99 12.56
C ASN A 176 -1.54 8.08 13.52
N THR A 177 -2.38 9.10 13.34
CA THR A 177 -3.56 9.27 14.18
C THR A 177 -4.54 8.13 13.98
N GLY A 178 -4.64 7.65 12.74
CA GLY A 178 -5.54 6.54 12.46
C GLY A 178 -4.97 5.23 12.96
N ILE A 179 -3.64 5.14 12.94
CA ILE A 179 -2.92 3.96 13.38
C ILE A 179 -3.08 3.81 14.90
N LYS A 180 -2.95 4.93 15.61
CA LYS A 180 -3.05 4.96 17.06
C LYS A 180 -4.50 4.74 17.50
N CYS A 181 -5.43 5.24 16.70
CA CYS A 181 -6.85 5.11 16.98
C CYS A 181 -7.44 3.74 16.63
N ALA A 182 -6.83 3.08 15.64
CA ALA A 182 -7.30 1.76 15.22
C ALA A 182 -7.16 0.73 16.34
N GLY A 183 -7.97 -0.32 16.28
CA GLY A 183 -7.89 -1.36 17.30
C GLY A 183 -9.06 -2.31 17.31
N ILE A 184 -8.90 -3.42 18.01
CA ILE A 184 -9.98 -4.41 18.10
C ILE A 184 -11.21 -3.79 18.76
N ASP A 185 -12.35 -3.88 18.07
CA ASP A 185 -13.62 -3.34 18.55
C ASP A 185 -13.79 -1.84 18.31
N VAL A 186 -12.81 -1.26 17.64
CA VAL A 186 -12.87 0.16 17.30
C VAL A 186 -13.71 0.23 16.03
N ARG A 187 -14.66 1.16 15.98
CA ARG A 187 -15.52 1.30 14.82
C ARG A 187 -14.82 2.07 13.70
N LEU A 188 -14.94 1.57 12.48
CA LEU A 188 -14.32 2.22 11.33
C LEU A 188 -14.65 3.70 11.22
N CYS A 189 -15.93 4.05 11.34
CA CYS A 189 -16.33 5.45 11.24
C CYS A 189 -15.57 6.33 12.22
N ASP A 190 -15.26 5.79 13.39
CA ASP A 190 -14.53 6.55 14.42
C ASP A 190 -13.10 6.81 13.99
N VAL A 191 -12.48 5.82 13.36
CA VAL A 191 -11.12 5.98 12.89
C VAL A 191 -11.15 7.07 11.82
N GLY A 192 -12.23 7.11 11.07
CA GLY A 192 -12.36 8.09 10.02
C GLY A 192 -12.40 9.52 10.54
N GLU A 193 -13.29 9.79 11.49
CA GLU A 193 -13.40 11.11 12.07
C GLU A 193 -12.08 11.58 12.67
N ALA A 194 -11.45 10.70 13.43
CA ALA A 194 -10.17 11.03 14.06
C ALA A 194 -9.21 11.56 13.02
N ILE A 195 -9.07 10.78 11.94
CA ILE A 195 -8.18 11.11 10.83
C ILE A 195 -8.52 12.48 10.21
N GLN A 196 -9.80 12.82 10.17
CA GLN A 196 -10.21 14.09 9.60
C GLN A 196 -9.91 15.29 10.50
N GLU A 197 -10.21 15.17 11.79
CA GLU A 197 -9.96 16.27 12.72
C GLU A 197 -8.51 16.73 12.64
N VAL A 198 -7.58 15.77 12.68
CA VAL A 198 -6.17 16.08 12.59
C VAL A 198 -5.81 16.67 11.23
N MET A 199 -6.09 15.90 10.18
CA MET A 199 -5.79 16.33 8.81
C MET A 199 -6.24 17.76 8.56
N GLU A 200 -7.45 18.08 8.97
CA GLU A 200 -8.00 19.42 8.77
C GLU A 200 -7.51 20.49 9.73
N SER A 201 -6.78 20.09 10.76
CA SER A 201 -6.28 21.08 11.72
C SER A 201 -5.00 21.69 11.18
N TYR A 202 -4.63 21.30 9.97
CA TYR A 202 -3.44 21.81 9.31
C TYR A 202 -3.83 22.74 8.17
N GLU A 203 -3.05 23.81 8.01
CA GLU A 203 -3.28 24.75 6.94
C GLU A 203 -1.91 24.95 6.33
N VAL A 204 -1.83 25.00 5.01
CA VAL A 204 -0.56 25.16 4.35
C VAL A 204 -0.53 26.30 3.35
N GLU A 205 0.69 26.74 3.04
CA GLU A 205 0.88 27.79 2.06
C GLU A 205 1.80 27.25 0.98
N ILE A 206 1.31 27.25 -0.25
CA ILE A 206 2.08 26.78 -1.39
C ILE A 206 1.90 27.77 -2.53
N ASP A 207 3.02 28.38 -2.93
CA ASP A 207 3.01 29.37 -4.01
C ASP A 207 1.98 30.49 -3.77
N GLY A 208 2.12 31.18 -2.64
CA GLY A 208 1.21 32.29 -2.34
C GLY A 208 -0.22 31.98 -1.94
N LYS A 209 -0.69 30.77 -2.18
CA LYS A 209 -2.07 30.39 -1.83
C LYS A 209 -2.10 29.57 -0.55
N THR A 210 -3.13 29.81 0.25
CA THR A 210 -3.30 29.08 1.51
C THR A 210 -4.40 28.05 1.33
N TYR A 211 -4.27 26.91 2.00
CA TYR A 211 -5.28 25.87 1.93
C TYR A 211 -5.39 25.15 3.25
N GLN A 212 -6.57 24.60 3.53
CA GLN A 212 -6.74 23.79 4.73
C GLN A 212 -6.73 22.39 4.13
N VAL A 213 -5.81 21.55 4.58
CA VAL A 213 -5.70 20.20 4.06
C VAL A 213 -7.03 19.44 4.09
N LYS A 214 -7.36 18.80 2.98
CA LYS A 214 -8.59 18.02 2.84
C LYS A 214 -8.29 16.54 2.67
N PRO A 215 -9.01 15.67 3.38
CA PRO A 215 -8.76 14.24 3.22
C PRO A 215 -9.48 13.87 1.93
N ILE A 216 -8.89 13.01 1.10
CA ILE A 216 -9.57 12.62 -0.13
C ILE A 216 -10.69 11.70 0.35
N ARG A 217 -11.89 12.26 0.41
CA ARG A 217 -13.05 11.55 0.91
C ARG A 217 -13.46 10.25 0.24
N ASN A 218 -13.19 10.10 -1.05
CA ASN A 218 -13.58 8.84 -1.69
C ASN A 218 -12.40 7.86 -1.77
N LEU A 219 -11.39 8.11 -0.93
CA LEU A 219 -10.23 7.25 -0.85
C LEU A 219 -10.22 6.76 0.57
N ASN A 220 -9.40 5.76 0.89
CA ASN A 220 -9.40 5.24 2.24
C ASN A 220 -8.49 4.05 2.46
N GLY A 221 -8.43 3.61 3.71
CA GLY A 221 -7.64 2.47 4.09
C GLY A 221 -8.49 1.23 3.85
N HIS A 222 -8.04 0.08 4.33
CA HIS A 222 -8.79 -1.14 4.10
C HIS A 222 -8.17 -2.34 4.80
N SER A 223 -8.97 -3.39 4.98
CA SER A 223 -8.49 -4.62 5.59
C SER A 223 -7.74 -5.43 4.54
N ILE A 224 -6.90 -6.35 4.98
CA ILE A 224 -6.12 -7.16 4.06
C ILE A 224 -6.26 -8.68 4.26
N GLY A 225 -6.36 -9.41 3.16
CA GLY A 225 -6.48 -10.85 3.22
C GLY A 225 -5.35 -11.53 2.46
N GLN A 226 -5.23 -12.85 2.60
CA GLN A 226 -4.17 -13.57 1.90
C GLN A 226 -4.38 -13.43 0.40
N TYR A 227 -3.35 -12.91 -0.27
CA TYR A 227 -3.39 -12.71 -1.72
C TYR A 227 -4.57 -11.84 -2.14
N ARG A 228 -5.09 -11.06 -1.21
CA ARG A 228 -6.22 -10.19 -1.50
C ARG A 228 -5.98 -8.81 -0.89
N ILE A 229 -5.47 -7.89 -1.70
CA ILE A 229 -5.16 -6.54 -1.25
C ILE A 229 -6.26 -5.85 -0.45
N HIS A 230 -7.52 -6.07 -0.84
CA HIS A 230 -8.65 -5.47 -0.13
C HIS A 230 -9.60 -6.58 0.30
N ALA A 231 -9.50 -6.96 1.58
CA ALA A 231 -10.30 -8.03 2.15
C ALA A 231 -11.81 -7.80 2.18
N GLY A 232 -12.25 -6.57 2.42
CA GLY A 232 -13.69 -6.33 2.45
C GLY A 232 -14.14 -5.16 3.30
N LYS A 233 -13.39 -4.85 4.35
CA LYS A 233 -13.73 -3.71 5.21
C LYS A 233 -12.90 -2.50 4.79
N THR A 234 -13.53 -1.33 4.75
CA THR A 234 -12.82 -0.13 4.35
C THR A 234 -12.64 0.79 5.55
N VAL A 235 -11.56 1.57 5.55
CA VAL A 235 -11.29 2.51 6.64
C VAL A 235 -11.53 3.92 6.09
N PRO A 236 -12.70 4.49 6.44
CA PRO A 236 -13.28 5.80 6.11
C PRO A 236 -12.40 6.96 5.65
N ILE A 237 -11.81 7.66 6.60
CA ILE A 237 -10.97 8.85 6.36
C ILE A 237 -11.82 10.12 6.55
N ILE A 238 -13.15 9.97 6.59
CA ILE A 238 -14.05 11.11 6.77
C ILE A 238 -15.05 10.95 7.91
N LYS A 239 -16.34 11.13 7.65
CA LYS A 239 -17.34 11.03 8.72
C LYS A 239 -18.24 9.80 8.76
N GLY A 240 -18.61 9.26 7.60
CA GLY A 240 -19.47 8.08 7.58
C GLY A 240 -18.74 6.88 8.15
N GLY A 241 -19.41 5.73 8.26
CA GLY A 241 -18.74 4.58 8.82
C GLY A 241 -19.29 3.19 8.50
N GLU A 242 -19.57 2.97 7.21
CA GLU A 242 -20.10 1.71 6.69
C GLU A 242 -21.10 1.07 7.64
N ALA A 243 -20.54 0.38 8.64
CA ALA A 243 -21.30 -0.31 9.69
C ALA A 243 -20.42 -1.47 10.15
N THR A 244 -19.30 -1.15 10.80
CA THR A 244 -18.43 -2.22 11.24
C THR A 244 -17.33 -1.84 12.22
N ARG A 245 -16.83 -2.87 12.89
CA ARG A 245 -15.77 -2.74 13.86
C ARG A 245 -14.61 -3.61 13.43
N MET A 246 -13.40 -3.18 13.78
CA MET A 246 -12.21 -3.95 13.44
C MET A 246 -12.23 -5.15 14.39
N GLU A 247 -11.79 -6.31 13.90
CA GLU A 247 -11.81 -7.51 14.72
C GLU A 247 -10.44 -8.13 14.95
N GLU A 248 -10.34 -8.85 16.06
CA GLU A 248 -9.12 -9.53 16.44
C GLU A 248 -8.63 -10.49 15.34
N GLY A 249 -7.35 -10.39 15.01
CA GLY A 249 -6.77 -11.23 13.99
C GLY A 249 -6.72 -10.57 12.61
N GLU A 250 -7.50 -9.51 12.45
CA GLU A 250 -7.55 -8.80 11.17
C GLU A 250 -6.25 -8.06 10.87
N VAL A 251 -6.09 -7.68 9.60
CA VAL A 251 -4.91 -6.95 9.16
C VAL A 251 -5.39 -5.78 8.32
N TYR A 252 -4.99 -4.57 8.71
CA TYR A 252 -5.40 -3.38 7.97
C TYR A 252 -4.28 -2.54 7.39
N ALA A 253 -4.62 -1.85 6.31
CA ALA A 253 -3.71 -0.95 5.65
C ALA A 253 -4.24 0.43 6.02
N ILE A 254 -3.55 1.11 6.93
CA ILE A 254 -3.98 2.43 7.36
C ILE A 254 -3.28 3.49 6.51
N GLU A 255 -4.04 4.11 5.61
CA GLU A 255 -3.50 5.14 4.73
C GLU A 255 -4.41 6.35 4.65
N THR A 256 -3.80 7.53 4.49
CA THR A 256 -4.57 8.75 4.37
C THR A 256 -3.98 9.55 3.21
N PHE A 257 -4.82 10.35 2.59
CA PHE A 257 -4.41 11.19 1.48
C PHE A 257 -4.89 12.60 1.79
N GLY A 258 -4.01 13.56 1.60
CA GLY A 258 -4.38 14.95 1.84
C GLY A 258 -4.33 15.64 0.50
N SER A 259 -5.23 16.60 0.28
CA SER A 259 -5.25 17.30 -1.00
C SER A 259 -5.60 18.77 -0.85
N THR A 260 -5.22 19.54 -1.87
CA THR A 260 -5.49 20.98 -1.91
C THR A 260 -6.52 21.22 -3.01
N GLY A 261 -6.93 20.15 -3.68
CA GLY A 261 -7.92 20.27 -4.74
C GLY A 261 -9.30 20.23 -4.14
N LYS A 262 -10.15 19.33 -4.62
CA LYS A 262 -11.50 19.24 -4.08
C LYS A 262 -11.65 18.13 -3.04
N GLY A 263 -10.57 17.38 -2.80
CA GLY A 263 -10.64 16.30 -1.84
C GLY A 263 -11.47 15.15 -2.37
N VAL A 264 -11.41 14.95 -3.68
CA VAL A 264 -12.15 13.88 -4.35
C VAL A 264 -11.37 13.45 -5.57
N VAL A 265 -11.21 12.14 -5.76
CA VAL A 265 -10.48 11.65 -6.92
C VAL A 265 -11.38 11.07 -7.99
N HIS A 266 -10.83 10.96 -9.20
CA HIS A 266 -11.55 10.40 -10.33
C HIS A 266 -10.57 9.67 -11.25
N ASP A 267 -11.08 8.76 -12.07
CA ASP A 267 -10.24 8.01 -12.99
C ASP A 267 -9.65 8.97 -14.01
N ASP A 268 -8.34 8.91 -14.23
CA ASP A 268 -7.71 9.79 -15.19
C ASP A 268 -6.45 9.18 -15.75
N MET A 269 -6.11 9.57 -16.96
CA MET A 269 -4.93 9.06 -17.67
C MET A 269 -5.14 7.61 -18.08
N GLU A 270 -4.13 7.05 -18.73
CA GLU A 270 -4.19 5.68 -19.19
C GLU A 270 -3.99 4.68 -18.05
N CYS A 271 -4.76 3.61 -18.07
CA CYS A 271 -4.71 2.57 -17.05
C CYS A 271 -3.48 1.69 -17.16
N SER A 272 -2.92 1.31 -16.01
CA SER A 272 -1.75 0.45 -16.00
C SER A 272 -1.95 -0.67 -15.00
N HIS A 273 -2.87 -0.47 -14.05
CA HIS A 273 -3.16 -1.44 -13.02
C HIS A 273 -4.35 -2.34 -13.32
N TYR A 274 -4.16 -3.63 -13.08
CA TYR A 274 -5.19 -4.62 -13.33
C TYR A 274 -5.10 -5.69 -12.27
N MET A 275 -6.24 -6.29 -11.93
CA MET A 275 -6.25 -7.35 -10.93
C MET A 275 -7.42 -8.29 -11.12
N LYS A 276 -7.14 -9.57 -11.00
CA LYS A 276 -8.18 -10.58 -11.15
C LYS A 276 -9.17 -10.45 -10.00
N ASN A 277 -10.46 -10.52 -10.32
CA ASN A 277 -11.50 -10.43 -9.31
C ASN A 277 -11.38 -11.65 -8.41
N PHE A 278 -11.07 -11.42 -7.14
CA PHE A 278 -10.89 -12.47 -6.15
C PHE A 278 -12.08 -13.44 -6.07
N ASP A 279 -13.26 -12.97 -6.43
CA ASP A 279 -14.48 -13.77 -6.38
C ASP A 279 -14.78 -14.62 -7.61
N VAL A 280 -14.61 -14.04 -8.80
CA VAL A 280 -14.90 -14.79 -10.03
C VAL A 280 -14.28 -16.18 -10.01
N GLY A 281 -15.04 -17.16 -10.50
CA GLY A 281 -14.56 -18.52 -10.53
C GLY A 281 -13.75 -18.84 -11.77
N HIS A 282 -13.66 -20.13 -12.10
CA HIS A 282 -12.92 -20.58 -13.28
C HIS A 282 -13.81 -20.40 -14.52
N VAL A 283 -13.31 -19.66 -15.50
CA VAL A 283 -14.08 -19.42 -16.71
C VAL A 283 -13.38 -20.02 -17.93
N PRO A 284 -14.03 -20.98 -18.59
CA PRO A 284 -13.42 -21.60 -19.77
C PRO A 284 -13.34 -20.60 -20.93
N ILE A 285 -12.14 -20.40 -21.46
CA ILE A 285 -11.96 -19.48 -22.58
C ILE A 285 -11.38 -20.22 -23.79
N ARG A 286 -12.07 -20.14 -24.92
CA ARG A 286 -11.59 -20.79 -26.13
C ARG A 286 -10.78 -19.81 -26.98
N LEU A 287 -11.14 -18.53 -26.94
CA LEU A 287 -10.40 -17.53 -27.69
C LEU A 287 -8.95 -17.64 -27.23
N PRO A 288 -8.05 -18.08 -28.13
CA PRO A 288 -6.62 -18.28 -27.92
C PRO A 288 -5.88 -17.22 -27.12
N ARG A 289 -5.79 -16.02 -27.67
CA ARG A 289 -5.05 -14.94 -27.02
C ARG A 289 -5.59 -14.61 -25.64
N THR A 290 -6.90 -14.62 -25.48
CA THR A 290 -7.52 -14.32 -24.20
C THR A 290 -7.32 -15.47 -23.23
N LYS A 291 -7.30 -16.69 -23.76
CA LYS A 291 -7.10 -17.88 -22.96
C LYS A 291 -5.67 -17.88 -22.44
N HIS A 292 -4.72 -17.60 -23.34
CA HIS A 292 -3.32 -17.57 -22.99
C HIS A 292 -3.00 -16.49 -21.98
N LEU A 293 -3.47 -15.27 -22.22
CA LEU A 293 -3.22 -14.17 -21.30
C LEU A 293 -3.73 -14.49 -19.90
N LEU A 294 -4.94 -15.04 -19.81
CA LEU A 294 -5.51 -15.37 -18.51
C LEU A 294 -4.64 -16.41 -17.80
N ASN A 295 -4.11 -17.37 -18.55
CA ASN A 295 -3.25 -18.39 -17.97
C ASN A 295 -2.02 -17.74 -17.38
N VAL A 296 -1.47 -16.76 -18.09
CA VAL A 296 -0.29 -16.07 -17.63
C VAL A 296 -0.64 -15.38 -16.33
N ILE A 297 -1.79 -14.72 -16.30
CA ILE A 297 -2.21 -14.01 -15.11
C ILE A 297 -2.38 -14.97 -13.92
N ASN A 298 -3.04 -16.11 -14.15
CA ASN A 298 -3.24 -17.06 -13.06
C ASN A 298 -1.90 -17.61 -12.56
N GLU A 299 -1.02 -17.93 -13.49
CA GLU A 299 0.29 -18.47 -13.16
C GLU A 299 1.22 -17.50 -12.44
N ASN A 300 1.28 -16.28 -12.96
CA ASN A 300 2.17 -15.25 -12.43
C ASN A 300 1.65 -14.30 -11.36
N PHE A 301 0.36 -14.06 -11.37
CA PHE A 301 -0.20 -13.10 -10.42
C PHE A 301 -1.31 -13.61 -9.51
N GLY A 302 -2.02 -14.64 -9.95
CA GLY A 302 -3.11 -15.14 -9.14
C GLY A 302 -4.09 -14.01 -8.93
N THR A 303 -4.38 -13.68 -7.67
CA THR A 303 -5.30 -12.61 -7.34
C THR A 303 -4.57 -11.32 -6.96
N LEU A 304 -3.27 -11.27 -7.21
CA LEU A 304 -2.48 -10.09 -6.88
C LEU A 304 -2.52 -9.11 -8.05
N ALA A 305 -2.50 -7.82 -7.75
CA ALA A 305 -2.53 -6.81 -8.80
C ALA A 305 -1.23 -6.83 -9.59
N PHE A 306 -1.33 -6.44 -10.86
CA PHE A 306 -0.17 -6.40 -11.74
C PHE A 306 -0.32 -5.19 -12.66
N CYS A 307 0.66 -4.98 -13.53
CA CYS A 307 0.62 -3.87 -14.47
C CYS A 307 1.10 -4.30 -15.85
N ARG A 308 0.83 -3.48 -16.86
CA ARG A 308 1.22 -3.80 -18.22
C ARG A 308 2.71 -4.11 -18.34
N ARG A 309 3.53 -3.31 -17.68
CA ARG A 309 4.97 -3.53 -17.72
C ARG A 309 5.32 -4.95 -17.31
N TRP A 310 4.66 -5.45 -16.26
CA TRP A 310 4.90 -6.80 -15.78
C TRP A 310 4.47 -7.87 -16.80
N LEU A 311 3.64 -7.48 -17.75
CA LEU A 311 3.22 -8.41 -18.80
C LEU A 311 4.34 -8.33 -19.83
N ASP A 312 4.84 -7.12 -20.06
CA ASP A 312 5.91 -6.89 -21.00
C ASP A 312 7.10 -7.78 -20.62
N ARG A 313 7.64 -7.57 -19.42
CA ARG A 313 8.80 -8.31 -18.94
C ARG A 313 8.69 -9.81 -19.07
N LEU A 314 7.47 -10.33 -19.16
CA LEU A 314 7.27 -11.78 -19.29
C LEU A 314 7.26 -12.19 -20.75
N GLY A 315 7.57 -11.25 -21.63
CA GLY A 315 7.59 -11.54 -23.05
C GLY A 315 6.24 -11.54 -23.74
N GLU A 316 5.22 -11.00 -23.07
CA GLU A 316 3.90 -10.93 -23.70
C GLU A 316 3.81 -9.71 -24.60
N SER A 317 3.24 -9.89 -25.78
CA SER A 317 3.08 -8.80 -26.73
C SER A 317 1.69 -8.85 -27.35
N LYS A 318 1.20 -7.72 -27.82
CA LYS A 318 -0.13 -7.65 -28.42
C LYS A 318 -1.13 -8.32 -27.48
N TYR A 319 -1.25 -7.80 -26.27
CA TYR A 319 -2.15 -8.40 -25.29
C TYR A 319 -3.27 -7.48 -24.82
N LEU A 320 -3.30 -6.25 -25.31
CA LEU A 320 -4.32 -5.29 -24.88
C LEU A 320 -5.74 -5.74 -25.17
N MET A 321 -6.00 -6.20 -26.38
CA MET A 321 -7.35 -6.63 -26.71
C MET A 321 -7.77 -7.76 -25.79
N ALA A 322 -6.87 -8.73 -25.61
CA ALA A 322 -7.14 -9.88 -24.76
C ALA A 322 -7.33 -9.40 -23.32
N LEU A 323 -6.60 -8.38 -22.92
CA LEU A 323 -6.73 -7.86 -21.57
C LEU A 323 -8.09 -7.16 -21.45
N LYS A 324 -8.50 -6.51 -22.53
CA LYS A 324 -9.79 -5.84 -22.54
C LYS A 324 -10.87 -6.90 -22.37
N ASN A 325 -10.75 -7.99 -23.13
CA ASN A 325 -11.73 -9.09 -23.05
C ASN A 325 -11.87 -9.57 -21.63
N LEU A 326 -10.75 -9.87 -20.98
CA LEU A 326 -10.78 -10.34 -19.61
C LEU A 326 -11.49 -9.32 -18.74
N CYS A 327 -11.33 -8.03 -19.06
CA CYS A 327 -11.98 -6.96 -18.31
C CYS A 327 -13.48 -6.88 -18.58
N ASP A 328 -13.87 -6.98 -19.86
CA ASP A 328 -15.30 -6.93 -20.18
C ASP A 328 -15.99 -8.20 -19.67
N LEU A 329 -15.26 -9.30 -19.61
CA LEU A 329 -15.83 -10.55 -19.11
C LEU A 329 -15.94 -10.51 -17.60
N GLY A 330 -15.40 -9.46 -16.99
CA GLY A 330 -15.44 -9.33 -15.55
C GLY A 330 -14.52 -10.28 -14.79
N ILE A 331 -13.54 -10.87 -15.48
CA ILE A 331 -12.60 -11.79 -14.87
C ILE A 331 -11.46 -10.98 -14.29
N VAL A 332 -11.21 -9.84 -14.92
CA VAL A 332 -10.17 -8.93 -14.49
C VAL A 332 -10.80 -7.55 -14.31
N ASP A 333 -10.37 -6.82 -13.28
CA ASP A 333 -10.90 -5.49 -13.04
C ASP A 333 -9.81 -4.47 -13.27
N PRO A 334 -10.12 -3.40 -14.02
CA PRO A 334 -9.14 -2.35 -14.29
C PRO A 334 -9.07 -1.41 -13.10
N TYR A 335 -7.87 -0.94 -12.80
CA TYR A 335 -7.68 -0.01 -11.68
C TYR A 335 -6.91 1.23 -12.14
N PRO A 336 -7.62 2.13 -12.83
CA PRO A 336 -7.04 3.37 -13.35
C PRO A 336 -6.55 4.32 -12.25
N PRO A 337 -5.70 5.27 -12.64
CA PRO A 337 -5.15 6.26 -11.72
C PRO A 337 -6.28 7.13 -11.16
N LEU A 338 -6.17 7.47 -9.88
CA LEU A 338 -7.17 8.29 -9.22
C LEU A 338 -6.55 9.66 -8.99
N CYS A 339 -7.08 10.66 -9.68
CA CYS A 339 -6.54 12.02 -9.58
C CYS A 339 -7.57 13.06 -9.15
N ASP A 340 -7.10 14.11 -8.49
CA ASP A 340 -7.94 15.20 -8.03
C ASP A 340 -7.90 16.27 -9.12
N ILE A 341 -8.67 17.33 -8.94
CA ILE A 341 -8.74 18.41 -9.90
C ILE A 341 -7.34 18.87 -10.35
N LYS A 342 -7.22 19.23 -11.63
CA LYS A 342 -5.94 19.68 -12.16
C LYS A 342 -5.39 20.86 -11.38
N GLY A 343 -4.10 20.83 -11.09
CA GLY A 343 -3.50 21.92 -10.34
C GLY A 343 -3.42 21.66 -8.84
N SER A 344 -4.14 20.65 -8.37
CA SER A 344 -4.15 20.31 -6.95
C SER A 344 -2.94 19.44 -6.60
N TYR A 345 -2.61 19.39 -5.32
CA TYR A 345 -1.51 18.57 -4.85
C TYR A 345 -2.07 17.55 -3.88
N THR A 346 -1.48 16.36 -3.85
CA THR A 346 -1.92 15.31 -2.95
C THR A 346 -0.73 14.59 -2.34
N ALA A 347 -0.88 14.21 -1.07
CA ALA A 347 0.18 13.50 -0.36
C ALA A 347 -0.42 12.24 0.30
N GLN A 348 0.41 11.25 0.57
CA GLN A 348 -0.05 10.00 1.17
C GLN A 348 0.97 9.28 2.04
N PHE A 349 0.49 8.70 3.14
CA PHE A 349 1.32 7.92 4.05
C PHE A 349 0.51 6.69 4.43
N GLU A 350 1.14 5.53 4.36
CA GLU A 350 0.44 4.28 4.64
C GLU A 350 1.28 3.23 5.35
N HIS A 351 0.62 2.47 6.21
CA HIS A 351 1.27 1.40 6.96
C HIS A 351 0.31 0.23 7.08
N THR A 352 0.88 -0.97 7.23
CA THR A 352 0.11 -2.18 7.41
C THR A 352 0.19 -2.48 8.90
N ILE A 353 -0.93 -2.79 9.53
CA ILE A 353 -0.93 -3.11 10.94
C ILE A 353 -1.58 -4.45 11.20
N LEU A 354 -1.12 -5.11 12.25
CA LEU A 354 -1.66 -6.42 12.61
C LEU A 354 -2.43 -6.29 13.90
N LEU A 355 -3.71 -6.67 13.87
CA LEU A 355 -4.52 -6.61 15.06
C LEU A 355 -4.42 -7.96 15.78
N ARG A 356 -3.27 -8.19 16.39
CA ARG A 356 -3.00 -9.43 17.11
C ARG A 356 -3.74 -9.47 18.46
N PRO A 357 -3.93 -10.68 19.02
CA PRO A 357 -4.63 -10.87 20.30
C PRO A 357 -4.00 -10.12 21.50
N THR A 358 -2.68 -10.10 21.59
CA THR A 358 -2.02 -9.43 22.69
C THR A 358 -1.65 -7.97 22.44
N CYS A 359 -1.54 -7.58 21.17
CA CYS A 359 -1.19 -6.20 20.86
C CYS A 359 -1.47 -5.81 19.41
N LYS A 360 -1.28 -4.53 19.14
CA LYS A 360 -1.47 -3.97 17.81
C LYS A 360 -0.06 -3.71 17.27
N GLU A 361 0.29 -4.36 16.18
CA GLU A 361 1.63 -4.19 15.62
C GLU A 361 1.65 -3.41 14.31
N VAL A 362 2.46 -2.37 14.25
CA VAL A 362 2.60 -1.59 13.04
C VAL A 362 3.81 -2.22 12.40
N VAL A 363 3.61 -3.40 11.84
CA VAL A 363 4.65 -4.20 11.21
C VAL A 363 5.52 -3.47 10.18
N SER A 364 4.91 -2.62 9.37
CA SER A 364 5.68 -1.91 8.35
C SER A 364 6.37 -0.64 8.82
N ARG A 365 6.32 -0.37 10.13
CA ARG A 365 6.95 0.83 10.67
C ARG A 365 8.47 0.78 10.56
N GLY A 366 9.10 1.94 10.45
CA GLY A 366 10.54 1.98 10.34
C GLY A 366 11.13 3.27 10.90
N ASP A 367 12.44 3.45 10.70
CA ASP A 367 13.14 4.64 11.15
C ASP A 367 12.62 5.85 10.40
N ASP A 368 12.38 5.67 9.10
CA ASP A 368 11.90 6.75 8.26
C ASP A 368 10.51 7.24 8.63
N TYR A 369 9.54 6.34 8.68
CA TYR A 369 8.18 6.75 9.02
C TYR A 369 7.39 5.54 9.49
MN MN B . -0.75 1.35 -0.87
MN MN C . -3.68 0.51 0.42
C1 F77 D . -4.82 -1.83 -8.12
C2 F77 D . -4.90 -2.90 -7.00
C3 F77 D . -5.56 -2.37 -5.74
C4 F77 D . -6.95 -2.71 -5.48
C5 F77 D . -7.62 -2.23 -4.30
C6 F77 D . -6.92 -1.42 -3.33
C7 F77 D . -5.53 -1.08 -3.57
C8 F77 D . -4.85 -1.56 -4.76
C9 F77 D . -3.37 -1.19 -5.02
C10 F77 D . -4.76 -0.23 -2.62
O11 F77 D . -4.57 -0.71 -1.38
O12 F77 D . -4.38 0.85 -2.96
N13 F77 D . -7.57 -0.97 -2.18
S14 F77 D . -8.67 0.24 -2.07
O15 F77 D . -9.10 0.29 -0.70
O16 F77 D . -9.68 -0.05 -3.08
C17 F77 D . -7.85 1.73 -2.48
C18 F77 D . -7.06 2.39 -1.50
C19 F77 D . -6.39 3.60 -1.83
C20 F77 D . -6.53 4.10 -3.14
C21 F77 D . -7.29 3.47 -4.12
C22 F77 D . -7.96 2.27 -3.78
F23 F77 D . -5.90 5.24 -3.46
#